data_1AXW
#
_entry.id   1AXW
#
_cell.length_a   127.340
_cell.length_b   127.340
_cell.length_c   68.060
_cell.angle_alpha   90.00
_cell.angle_beta   90.00
_cell.angle_gamma   120.00
#
_symmetry.space_group_name_H-M   'P 63'
#
loop_
_entity.id
_entity.type
_entity.pdbx_description
1 polymer 'THYMIDYLATE SYNTHASE'
2 non-polymer "2'-DEOXYURIDINE 5'-MONOPHOSPHATE"
3 non-polymer METHOTREXATE
4 water water
#
_entity_poly.entity_id   1
_entity_poly.type   'polypeptide(L)'
_entity_poly.pdbx_seq_one_letter_code
;(FMT)MKQYLELMQKVLDEGTQKNDRTGTGTLSIFGHQMRFNLQDGFPLVTTKRCHLRSIIHELLWFLQGDTNIAYLHEN
NVTIWDEWADENGDLGPVYGKQWRAWPTPDGRHIDQITTVLNQLKNDPDSRRIIVSAWNVGELDKMALAPCHAFFQFYVA
DGKLSCQLYQRSCDVFLGLPFNIASYALLVHMMAQQCDLEVGDFVWTGGDTHLYSNHMDQTHLQLSREPRPLPKLIIKRK
PESIFDYRFEDFEIEGYDPHPGIKAPVAI
;
_entity_poly.pdbx_strand_id   A,B
#
loop_
_chem_comp.id
_chem_comp.type
_chem_comp.name
_chem_comp.formula
FMT non-polymer 'FORMIC ACID' 'C H2 O2'
MTX non-polymer METHOTREXATE 'C20 H22 N8 O5'
UMP non-polymer '2'-DEOXYURIDINE 5'-MONOPHOSPHATE' 'C9 H13 N2 O8 P'
#
# COMPACT_ATOMS: atom_id res chain seq x y z
C FMT A 1 -2.70 -23.63 5.94
O1 FMT A 1 -3.58 -24.19 5.25
O2 FMT A 1 -2.96 -23.17 7.07
N MET A 2 -1.94 -22.64 5.52
CA MET A 2 -1.53 -22.54 4.11
C MET A 2 -0.02 -22.38 4.02
N LYS A 3 0.54 -22.84 2.92
CA LYS A 3 1.98 -22.78 2.69
C LYS A 3 2.57 -21.37 2.82
N GLN A 4 1.96 -20.38 2.17
CA GLN A 4 2.45 -19.01 2.22
C GLN A 4 2.35 -18.41 3.62
N TYR A 5 1.25 -18.74 4.30
CA TYR A 5 0.97 -18.25 5.65
C TYR A 5 2.00 -18.79 6.64
N LEU A 6 2.22 -20.10 6.59
CA LEU A 6 3.17 -20.75 7.48
C LEU A 6 4.59 -20.27 7.22
N GLU A 7 4.90 -19.93 5.97
CA GLU A 7 6.23 -19.42 5.65
C GLU A 7 6.41 -18.02 6.22
N LEU A 8 5.33 -17.24 6.23
CA LEU A 8 5.36 -15.89 6.79
C LEU A 8 5.66 -15.98 8.28
N MET A 9 4.98 -16.88 8.99
CA MET A 9 5.19 -17.06 10.42
C MET A 9 6.64 -17.38 10.70
N GLN A 10 7.19 -18.37 9.98
CA GLN A 10 8.57 -18.78 10.13
C GLN A 10 9.52 -17.62 9.87
N LYS A 11 9.19 -16.80 8.89
CA LYS A 11 10.02 -15.66 8.55
C LYS A 11 10.06 -14.65 9.69
N VAL A 12 8.90 -14.41 10.30
CA VAL A 12 8.78 -13.46 11.40
C VAL A 12 9.65 -13.94 12.56
N LEU A 13 9.64 -15.25 12.79
CA LEU A 13 10.41 -15.89 13.84
C LEU A 13 11.90 -15.91 13.52
N ASP A 14 12.22 -16.03 12.25
CA ASP A 14 13.61 -16.09 11.82
C ASP A 14 14.33 -14.76 11.76
N GLU A 15 13.65 -13.72 11.32
CA GLU A 15 14.30 -12.43 11.23
C GLU A 15 13.54 -11.26 11.80
N GLY A 16 12.68 -11.55 12.78
CA GLY A 16 11.90 -10.50 13.42
C GLY A 16 12.65 -9.89 14.59
N THR A 17 12.44 -8.60 14.83
CA THR A 17 13.08 -7.88 15.93
C THR A 17 12.07 -7.72 17.06
N GLN A 18 12.54 -7.65 18.30
CA GLN A 18 11.66 -7.45 19.44
C GLN A 18 11.27 -5.99 19.52
N LYS A 19 9.98 -5.71 19.56
CA LYS A 19 9.48 -4.35 19.64
C LYS A 19 8.40 -4.23 20.70
N ASN A 20 8.37 -3.08 21.38
CA ASN A 20 7.34 -2.80 22.38
C ASN A 20 6.20 -2.23 21.55
N ASP A 21 4.97 -2.27 22.05
CA ASP A 21 3.89 -1.73 21.26
C ASP A 21 2.82 -1.04 22.10
N ARG A 22 1.88 -0.41 21.39
CA ARG A 22 0.76 0.31 21.95
C ARG A 22 0.06 -0.44 23.09
N THR A 23 -0.24 -1.72 22.86
CA THR A 23 -0.92 -2.55 23.85
C THR A 23 -0.07 -2.86 25.09
N GLY A 24 1.24 -2.72 24.95
CA GLY A 24 2.16 -3.00 26.04
C GLY A 24 2.44 -4.48 26.20
N THR A 25 2.15 -5.25 25.16
CA THR A 25 2.35 -6.70 25.17
C THR A 25 3.76 -7.10 24.74
N GLY A 26 4.19 -6.58 23.59
CA GLY A 26 5.50 -6.93 23.06
C GLY A 26 5.27 -7.76 21.82
N THR A 27 6.05 -7.51 20.77
CA THR A 27 5.92 -8.23 19.52
C THR A 27 7.25 -8.62 18.90
N LEU A 28 7.19 -9.58 17.97
CA LEU A 28 8.35 -10.00 17.18
C LEU A 28 7.90 -9.39 15.86
N SER A 29 8.74 -8.56 15.24
CA SER A 29 8.30 -7.89 14.04
C SER A 29 9.24 -7.76 12.84
N ILE A 30 8.65 -7.80 11.65
CA ILE A 30 9.36 -7.59 10.40
C ILE A 30 8.60 -6.47 9.69
N PHE A 31 9.25 -5.79 8.75
CA PHE A 31 8.62 -4.71 8.03
C PHE A 31 8.68 -4.98 6.55
N GLY A 32 7.50 -5.04 5.93
CA GLY A 32 7.43 -5.29 4.51
C GLY A 32 7.49 -6.75 4.13
N HIS A 33 6.40 -7.22 3.54
CA HIS A 33 6.31 -8.59 3.07
C HIS A 33 5.20 -8.61 2.06
N GLN A 34 5.25 -9.57 1.13
CA GLN A 34 4.23 -9.69 0.11
C GLN A 34 4.07 -11.17 -0.24
N MET A 35 2.84 -11.60 -0.43
CA MET A 35 2.53 -12.97 -0.80
C MET A 35 1.31 -13.01 -1.70
N ARG A 36 1.30 -13.97 -2.62
CA ARG A 36 0.25 -14.10 -3.60
C ARG A 36 -0.56 -15.38 -3.45
N PHE A 37 -1.87 -15.26 -3.63
CA PHE A 37 -2.77 -16.41 -3.54
C PHE A 37 -3.55 -16.52 -4.85
N ASN A 38 -3.36 -17.62 -5.57
CA ASN A 38 -4.09 -17.84 -6.82
C ASN A 38 -5.45 -18.40 -6.43
N LEU A 39 -6.48 -17.56 -6.51
CA LEU A 39 -7.85 -17.93 -6.15
C LEU A 39 -8.44 -19.11 -6.90
N GLN A 40 -7.86 -19.42 -8.05
CA GLN A 40 -8.35 -20.53 -8.85
C GLN A 40 -7.90 -21.86 -8.20
N ASP A 41 -6.89 -21.82 -7.34
CA ASP A 41 -6.38 -23.01 -6.67
C ASP A 41 -7.26 -23.47 -5.52
N GLY A 42 -8.07 -22.56 -5.01
CA GLY A 42 -8.94 -22.88 -3.90
C GLY A 42 -9.13 -21.64 -3.04
N PHE A 43 -10.11 -21.70 -2.13
CA PHE A 43 -10.39 -20.57 -1.24
C PHE A 43 -9.34 -20.57 -0.14
N PRO A 44 -8.60 -19.47 0.01
CA PRO A 44 -7.55 -19.38 1.03
C PRO A 44 -7.98 -19.25 2.51
N LEU A 45 -8.59 -20.31 3.04
CA LEU A 45 -9.01 -20.35 4.42
C LEU A 45 -8.04 -21.28 5.14
N VAL A 46 -7.35 -20.76 6.15
CA VAL A 46 -6.33 -21.53 6.91
C VAL A 46 -6.84 -22.90 7.36
N THR A 47 -6.06 -23.94 7.11
CA THR A 47 -6.44 -25.30 7.51
C THR A 47 -5.62 -25.86 8.67
N THR A 48 -4.48 -25.23 8.99
CA THR A 48 -3.66 -25.70 10.08
C THR A 48 -4.27 -25.41 11.45
N LYS A 49 -5.45 -24.80 11.45
CA LYS A 49 -6.24 -24.51 12.66
C LYS A 49 -7.65 -24.20 12.15
N ARG A 50 -8.66 -24.59 12.91
CA ARG A 50 -10.04 -24.34 12.50
C ARG A 50 -10.44 -22.87 12.54
N CYS A 51 -10.92 -22.36 11.42
CA CYS A 51 -11.36 -20.98 11.34
C CYS A 51 -12.88 -20.87 11.32
N HIS A 52 -13.38 -19.80 11.94
CA HIS A 52 -14.81 -19.53 12.06
C HIS A 52 -15.31 -18.63 10.91
N LEU A 53 -15.68 -19.25 9.80
CA LEU A 53 -16.14 -18.53 8.61
C LEU A 53 -17.38 -17.65 8.81
N ARG A 54 -18.27 -18.03 9.73
CA ARG A 54 -19.48 -17.26 10.02
C ARG A 54 -19.20 -15.81 10.39
N SER A 55 -18.16 -15.60 11.18
CA SER A 55 -17.77 -14.28 11.62
C SER A 55 -17.15 -13.47 10.48
N ILE A 56 -16.41 -14.14 9.61
CA ILE A 56 -15.75 -13.50 8.47
C ILE A 56 -16.79 -12.98 7.47
N ILE A 57 -17.76 -13.82 7.12
CA ILE A 57 -18.81 -13.43 6.18
C ILE A 57 -19.64 -12.27 6.71
N HIS A 58 -20.12 -12.38 7.94
CA HIS A 58 -20.93 -11.34 8.55
C HIS A 58 -20.26 -10.00 8.68
N GLU A 59 -18.95 -10.01 8.97
CA GLU A 59 -18.24 -8.74 9.10
C GLU A 59 -18.19 -8.07 7.72
N LEU A 60 -17.99 -8.86 6.68
CA LEU A 60 -17.91 -8.32 5.32
C LEU A 60 -19.23 -7.73 4.86
N LEU A 61 -20.33 -8.43 5.10
CA LEU A 61 -21.66 -7.93 4.70
C LEU A 61 -21.94 -6.64 5.47
N TRP A 62 -21.47 -6.58 6.70
CA TRP A 62 -21.61 -5.43 7.58
C TRP A 62 -20.81 -4.24 7.01
N PHE A 63 -19.61 -4.51 6.50
CA PHE A 63 -18.76 -3.48 5.89
C PHE A 63 -19.45 -2.87 4.68
N LEU A 64 -19.96 -3.75 3.81
CA LEU A 64 -20.64 -3.38 2.58
C LEU A 64 -21.93 -2.59 2.78
N GLN A 65 -22.55 -2.74 3.94
CA GLN A 65 -23.78 -2.02 4.27
C GLN A 65 -23.46 -0.57 4.64
N GLY A 66 -22.21 -0.32 5.03
CA GLY A 66 -21.79 1.01 5.44
C GLY A 66 -22.02 1.19 6.93
N ASP A 67 -22.21 0.08 7.62
CA ASP A 67 -22.49 0.07 9.06
C ASP A 67 -21.23 0.13 9.92
N THR A 68 -21.33 0.82 11.05
CA THR A 68 -20.22 0.95 12.01
C THR A 68 -20.67 0.71 13.46
N ASN A 69 -21.88 0.20 13.62
CA ASN A 69 -22.42 -0.12 14.94
C ASN A 69 -22.45 -1.65 15.00
N ILE A 70 -22.06 -2.20 16.13
CA ILE A 70 -22.00 -3.65 16.30
C ILE A 70 -23.33 -4.40 16.48
N ALA A 71 -24.45 -3.68 16.49
CA ALA A 71 -25.77 -4.30 16.66
C ALA A 71 -25.99 -5.46 15.68
N TYR A 72 -25.73 -5.20 14.40
CA TYR A 72 -25.87 -6.22 13.35
C TYR A 72 -25.05 -7.45 13.68
N LEU A 73 -23.80 -7.22 14.09
CA LEU A 73 -22.88 -8.31 14.42
C LEU A 73 -23.43 -9.09 15.60
N HIS A 74 -23.99 -8.38 16.57
CA HIS A 74 -24.54 -9.01 17.76
C HIS A 74 -25.73 -9.90 17.52
N GLU A 75 -26.67 -9.46 16.66
CA GLU A 75 -27.83 -10.29 16.39
C GLU A 75 -27.48 -11.52 15.55
N ASN A 76 -26.24 -11.57 15.09
CA ASN A 76 -25.75 -12.69 14.31
C ASN A 76 -24.62 -13.40 15.07
N ASN A 77 -24.58 -13.15 16.37
CA ASN A 77 -23.61 -13.75 17.29
C ASN A 77 -22.14 -13.60 16.96
N VAL A 78 -21.76 -12.42 16.46
CA VAL A 78 -20.37 -12.13 16.15
C VAL A 78 -19.90 -11.11 17.16
N THR A 79 -18.86 -11.47 17.91
CA THR A 79 -18.33 -10.61 18.95
C THR A 79 -16.89 -10.12 18.77
N ILE A 80 -16.32 -10.28 17.58
CA ILE A 80 -14.94 -9.87 17.32
C ILE A 80 -14.63 -8.38 17.49
N TRP A 81 -15.65 -7.53 17.48
CA TRP A 81 -15.45 -6.09 17.63
C TRP A 81 -15.87 -5.49 18.95
N ASP A 82 -16.32 -6.33 19.87
CA ASP A 82 -16.81 -5.86 21.17
C ASP A 82 -15.86 -5.02 22.04
N GLU A 83 -14.57 -5.35 22.06
CA GLU A 83 -13.62 -4.63 22.88
C GLU A 83 -13.36 -3.17 22.54
N TRP A 84 -13.66 -2.76 21.30
CA TRP A 84 -13.40 -1.39 20.87
C TRP A 84 -14.61 -0.47 20.75
N ALA A 85 -15.81 -1.04 20.85
CA ALA A 85 -17.05 -0.27 20.73
C ALA A 85 -17.41 0.47 22.01
N ASP A 86 -18.11 1.59 21.88
CA ASP A 86 -18.53 2.37 23.04
C ASP A 86 -19.83 1.86 23.67
N GLU A 87 -20.38 2.64 24.60
CA GLU A 87 -21.60 2.32 25.32
C GLU A 87 -22.78 2.09 24.36
N ASN A 88 -22.78 2.79 23.24
CA ASN A 88 -23.84 2.69 22.24
C ASN A 88 -23.54 1.67 21.13
N GLY A 89 -22.41 1.00 21.24
CA GLY A 89 -22.01 0.01 20.25
C GLY A 89 -21.32 0.61 19.04
N ASP A 90 -21.08 1.91 19.06
CA ASP A 90 -20.44 2.61 17.95
C ASP A 90 -18.93 2.45 17.93
N LEU A 91 -18.38 2.37 16.72
CA LEU A 91 -16.94 2.24 16.53
C LEU A 91 -16.37 3.48 15.85
N GLY A 92 -17.25 4.43 15.51
CA GLY A 92 -16.81 5.65 14.84
C GLY A 92 -16.80 5.42 13.34
N PRO A 93 -16.37 6.41 12.54
CA PRO A 93 -16.33 6.28 11.07
C PRO A 93 -15.23 5.35 10.51
N VAL A 94 -15.32 4.07 10.85
CA VAL A 94 -14.36 3.07 10.40
C VAL A 94 -14.70 2.51 9.02
N TYR A 95 -14.04 1.42 8.66
CA TYR A 95 -14.18 0.75 7.36
C TYR A 95 -15.47 0.97 6.58
N GLY A 96 -16.58 0.47 7.14
CA GLY A 96 -17.88 0.58 6.51
C GLY A 96 -18.23 1.96 6.00
N LYS A 97 -18.09 2.96 6.86
CA LYS A 97 -18.40 4.34 6.51
C LYS A 97 -17.47 4.90 5.42
N GLN A 98 -16.17 4.62 5.53
CA GLN A 98 -15.22 5.12 4.54
C GLN A 98 -15.44 4.47 3.18
N TRP A 99 -15.78 3.18 3.17
CA TRP A 99 -16.02 2.46 1.93
C TRP A 99 -17.23 2.99 1.16
N ARG A 100 -18.32 3.21 1.90
CA ARG A 100 -19.58 3.66 1.31
C ARG A 100 -19.85 5.16 1.30
N ALA A 101 -19.16 5.90 2.15
CA ALA A 101 -19.41 7.33 2.24
C ALA A 101 -18.25 8.17 2.76
N TRP A 102 -17.15 8.18 2.02
CA TRP A 102 -15.98 8.98 2.40
C TRP A 102 -16.39 10.46 2.28
N PRO A 103 -16.29 11.22 3.38
CA PRO A 103 -16.68 12.64 3.32
C PRO A 103 -15.65 13.59 2.68
N THR A 104 -16.10 14.38 1.71
CA THR A 104 -15.24 15.33 1.03
C THR A 104 -15.35 16.67 1.80
N PRO A 105 -14.41 17.61 1.57
CA PRO A 105 -14.48 18.89 2.27
C PRO A 105 -15.60 19.81 1.77
N ASP A 106 -16.05 19.60 0.54
CA ASP A 106 -17.11 20.42 -0.03
C ASP A 106 -18.54 19.92 0.19
N GLY A 107 -18.72 19.05 1.18
CA GLY A 107 -20.05 18.52 1.50
C GLY A 107 -20.53 17.25 0.83
N ARG A 108 -19.77 16.71 -0.11
CA ARG A 108 -20.16 15.49 -0.79
C ARG A 108 -19.73 14.27 0.00
N HIS A 109 -20.17 13.10 -0.46
CA HIS A 109 -19.84 11.82 0.13
C HIS A 109 -19.61 10.89 -1.03
N ILE A 110 -18.46 10.22 -1.03
CA ILE A 110 -18.12 9.31 -2.11
C ILE A 110 -18.27 7.84 -1.76
N ASP A 111 -19.02 7.12 -2.60
CA ASP A 111 -19.26 5.69 -2.43
C ASP A 111 -18.16 5.01 -3.24
N GLN A 112 -17.09 4.62 -2.54
CA GLN A 112 -15.96 3.99 -3.21
C GLN A 112 -16.26 2.62 -3.77
N ILE A 113 -17.15 1.87 -3.13
CA ILE A 113 -17.47 0.52 -3.62
C ILE A 113 -18.21 0.58 -4.96
N THR A 114 -19.19 1.49 -5.07
CA THR A 114 -19.93 1.61 -6.32
C THR A 114 -19.06 2.15 -7.44
N THR A 115 -18.21 3.13 -7.13
CA THR A 115 -17.34 3.71 -8.15
C THR A 115 -16.40 2.63 -8.70
N VAL A 116 -15.94 1.74 -7.82
CA VAL A 116 -15.07 0.65 -8.21
C VAL A 116 -15.80 -0.35 -9.10
N LEU A 117 -17.08 -0.57 -8.81
CA LEU A 117 -17.90 -1.47 -9.60
C LEU A 117 -18.07 -0.92 -11.01
N ASN A 118 -18.31 0.38 -11.10
CA ASN A 118 -18.47 1.03 -12.39
C ASN A 118 -17.17 1.06 -13.19
N GLN A 119 -16.03 1.18 -12.50
CA GLN A 119 -14.72 1.18 -13.16
C GLN A 119 -14.43 -0.21 -13.71
N LEU A 120 -14.72 -1.25 -12.94
CA LEU A 120 -14.47 -2.61 -13.39
C LEU A 120 -15.28 -2.96 -14.64
N LYS A 121 -16.43 -2.31 -14.77
CA LYS A 121 -17.32 -2.56 -15.90
C LYS A 121 -17.02 -1.72 -17.13
N ASN A 122 -16.79 -0.42 -16.93
CA ASN A 122 -16.55 0.50 -18.04
C ASN A 122 -15.09 0.82 -18.35
N ASP A 123 -14.20 0.62 -17.38
CA ASP A 123 -12.79 0.94 -17.58
C ASP A 123 -11.88 0.00 -16.77
N PRO A 124 -11.97 -1.33 -17.01
CA PRO A 124 -11.17 -2.33 -16.30
C PRO A 124 -9.65 -2.20 -16.45
N ASP A 125 -9.21 -1.41 -17.42
CA ASP A 125 -7.76 -1.22 -17.62
C ASP A 125 -7.22 -0.07 -16.78
N SER A 126 -8.11 0.61 -16.07
CA SER A 126 -7.73 1.74 -15.23
C SER A 126 -6.73 1.33 -14.16
N ARG A 127 -5.82 2.25 -13.86
CA ARG A 127 -4.79 2.04 -12.86
C ARG A 127 -5.13 2.83 -11.59
N ARG A 128 -6.40 3.23 -11.47
CA ARG A 128 -6.89 4.00 -10.34
C ARG A 128 -8.09 3.33 -9.66
N ILE A 129 -8.23 2.02 -9.80
CA ILE A 129 -9.36 1.29 -9.19
C ILE A 129 -8.97 0.96 -7.75
N ILE A 130 -9.14 1.95 -6.90
CA ILE A 130 -8.75 1.89 -5.51
C ILE A 130 -9.84 2.23 -4.49
N VAL A 131 -9.73 1.62 -3.31
CA VAL A 131 -10.63 1.86 -2.20
C VAL A 131 -9.69 2.12 -1.01
N SER A 132 -9.92 3.21 -0.28
CA SER A 132 -9.09 3.53 0.88
C SER A 132 -9.94 3.77 2.11
N ALA A 133 -9.48 3.22 3.24
CA ALA A 133 -10.14 3.40 4.51
C ALA A 133 -9.32 4.38 5.36
N TRP A 134 -8.14 4.75 4.87
CA TRP A 134 -7.27 5.67 5.58
C TRP A 134 -7.64 7.15 5.41
N ASN A 135 -8.65 7.58 6.14
CA ASN A 135 -9.09 8.97 6.09
C ASN A 135 -8.39 9.72 7.21
N VAL A 136 -7.30 10.40 6.84
CA VAL A 136 -6.46 11.18 7.77
C VAL A 136 -7.27 12.14 8.65
N GLY A 137 -8.21 12.85 8.03
CA GLY A 137 -9.02 13.81 8.76
C GLY A 137 -10.10 13.25 9.68
N GLU A 138 -10.28 11.93 9.70
CA GLU A 138 -11.29 11.32 10.57
C GLU A 138 -10.74 10.27 11.52
N LEU A 139 -9.44 10.00 11.43
CA LEU A 139 -8.77 9.00 12.27
C LEU A 139 -9.02 9.21 13.76
N ASP A 140 -9.14 10.47 14.17
CA ASP A 140 -9.36 10.80 15.58
C ASP A 140 -10.75 10.42 16.09
N LYS A 141 -11.67 10.16 15.17
CA LYS A 141 -13.03 9.79 15.54
C LYS A 141 -13.24 8.29 15.51
N MET A 142 -12.24 7.57 14.99
CA MET A 142 -12.29 6.11 14.88
C MET A 142 -11.85 5.45 16.17
N ALA A 143 -12.49 4.33 16.51
CA ALA A 143 -12.16 3.56 17.71
C ALA A 143 -10.79 2.92 17.55
N LEU A 144 -10.42 2.63 16.30
CA LEU A 144 -9.14 2.02 15.97
C LEU A 144 -8.80 2.44 14.54
N ALA A 145 -7.54 2.77 14.29
CA ALA A 145 -7.10 3.17 12.94
C ALA A 145 -7.10 1.92 12.05
N PRO A 146 -7.60 2.04 10.81
CA PRO A 146 -7.66 0.90 9.87
C PRO A 146 -6.35 0.15 9.67
N CYS A 147 -6.38 -1.17 9.84
CA CYS A 147 -5.20 -2.02 9.64
C CYS A 147 -5.07 -2.33 8.15
N HIS A 148 -6.14 -2.88 7.58
CA HIS A 148 -6.17 -3.15 6.15
C HIS A 148 -6.76 -1.83 5.65
N ALA A 149 -5.89 -0.92 5.26
CA ALA A 149 -6.33 0.42 4.87
C ALA A 149 -6.38 0.84 3.42
N PHE A 150 -5.95 0.00 2.50
CA PHE A 150 -5.91 0.42 1.12
C PHE A 150 -5.88 -0.80 0.22
N PHE A 151 -6.69 -0.81 -0.83
CA PHE A 151 -6.67 -1.94 -1.77
C PHE A 151 -6.95 -1.54 -3.21
N GLN A 152 -6.32 -2.25 -4.13
CA GLN A 152 -6.43 -1.95 -5.55
C GLN A 152 -6.81 -3.16 -6.41
N PHE A 153 -7.71 -2.95 -7.36
CA PHE A 153 -8.16 -4.01 -8.27
C PHE A 153 -7.42 -3.92 -9.61
N TYR A 154 -7.36 -5.06 -10.29
CA TYR A 154 -6.67 -5.17 -11.56
C TYR A 154 -7.35 -6.25 -12.37
N VAL A 155 -7.44 -6.04 -13.68
CA VAL A 155 -8.06 -6.99 -14.59
C VAL A 155 -7.09 -7.35 -15.72
N ALA A 156 -6.96 -8.65 -15.98
CA ALA A 156 -6.10 -9.13 -17.04
C ALA A 156 -6.59 -10.50 -17.45
N ASP A 157 -6.62 -10.75 -18.75
CA ASP A 157 -7.05 -12.04 -19.27
C ASP A 157 -8.40 -12.46 -18.71
N GLY A 158 -9.28 -11.48 -18.50
CA GLY A 158 -10.61 -11.74 -17.98
C GLY A 158 -10.68 -12.17 -16.53
N LYS A 159 -9.59 -11.99 -15.79
CA LYS A 159 -9.55 -12.36 -14.38
C LYS A 159 -9.38 -11.11 -13.51
N LEU A 160 -10.02 -11.12 -12.35
CA LEU A 160 -9.97 -10.02 -11.39
C LEU A 160 -8.97 -10.29 -10.25
N SER A 161 -7.99 -9.42 -10.10
CA SER A 161 -6.99 -9.52 -9.05
C SER A 161 -7.17 -8.37 -8.07
N CYS A 162 -6.58 -8.49 -6.89
CA CYS A 162 -6.68 -7.45 -5.87
C CYS A 162 -5.46 -7.49 -4.99
N GLN A 163 -4.91 -6.31 -4.68
CA GLN A 163 -3.77 -6.22 -3.78
C GLN A 163 -4.18 -5.38 -2.59
N LEU A 164 -3.87 -5.88 -1.38
CA LEU A 164 -4.21 -5.15 -0.18
C LEU A 164 -2.95 -4.72 0.55
N TYR A 165 -2.96 -3.50 1.08
CA TYR A 165 -1.84 -3.02 1.88
C TYR A 165 -2.34 -2.94 3.31
N GLN A 166 -1.79 -3.81 4.15
CA GLN A 166 -2.13 -3.85 5.56
C GLN A 166 -0.97 -3.24 6.32
N ARG A 167 -1.22 -2.09 6.96
CA ARG A 167 -0.18 -1.38 7.70
C ARG A 167 0.32 -2.08 8.96
N SER A 168 -0.60 -2.78 9.62
CA SER A 168 -0.28 -3.50 10.85
C SER A 168 -0.95 -4.86 10.76
N CYS A 169 -0.19 -5.90 11.07
CA CYS A 169 -0.74 -7.24 10.96
C CYS A 169 -0.43 -8.16 12.12
N ASP A 170 -1.49 -8.63 12.75
CA ASP A 170 -1.42 -9.58 13.86
C ASP A 170 -1.43 -10.89 13.10
N VAL A 171 -0.25 -11.45 12.86
CA VAL A 171 -0.12 -12.69 12.10
C VAL A 171 -0.95 -13.89 12.56
N PHE A 172 -1.08 -14.09 13.87
CA PHE A 172 -1.84 -15.23 14.39
C PHE A 172 -3.37 -15.08 14.35
N LEU A 173 -3.88 -14.02 14.96
CA LEU A 173 -5.33 -13.81 15.01
C LEU A 173 -5.90 -13.13 13.77
N GLY A 174 -5.44 -11.90 13.54
CA GLY A 174 -5.91 -11.11 12.43
C GLY A 174 -5.78 -11.63 11.02
N LEU A 175 -4.56 -11.97 10.61
CA LEU A 175 -4.30 -12.41 9.24
C LEU A 175 -5.21 -13.49 8.64
N PRO A 176 -5.45 -14.61 9.34
CA PRO A 176 -6.33 -15.63 8.75
C PRO A 176 -7.70 -15.04 8.40
N PHE A 177 -8.19 -14.15 9.25
CA PHE A 177 -9.47 -13.49 9.05
C PHE A 177 -9.40 -12.55 7.85
N ASN A 178 -8.35 -11.75 7.80
CA ASN A 178 -8.16 -10.77 6.74
C ASN A 178 -8.04 -11.36 5.35
N ILE A 179 -7.29 -12.45 5.22
CA ILE A 179 -7.12 -13.08 3.92
C ILE A 179 -8.44 -13.59 3.38
N ALA A 180 -9.18 -14.34 4.21
CA ALA A 180 -10.46 -14.90 3.81
C ALA A 180 -11.48 -13.82 3.49
N SER A 181 -11.44 -12.72 4.25
CA SER A 181 -12.34 -11.59 4.05
C SER A 181 -12.19 -11.01 2.65
N TYR A 182 -10.96 -10.68 2.27
CA TYR A 182 -10.71 -10.11 0.95
C TYR A 182 -10.87 -11.08 -0.22
N ALA A 183 -10.57 -12.36 0.01
CA ALA A 183 -10.71 -13.37 -1.03
C ALA A 183 -12.19 -13.51 -1.37
N LEU A 184 -13.04 -13.34 -0.36
CA LEU A 184 -14.50 -13.40 -0.52
C LEU A 184 -15.02 -12.20 -1.31
N LEU A 185 -14.49 -11.02 -1.03
CA LEU A 185 -14.90 -9.79 -1.72
C LEU A 185 -14.56 -9.89 -3.20
N VAL A 186 -13.39 -10.44 -3.50
CA VAL A 186 -12.94 -10.61 -4.89
C VAL A 186 -13.92 -11.53 -5.64
N HIS A 187 -14.36 -12.60 -4.98
CA HIS A 187 -15.32 -13.53 -5.58
C HIS A 187 -16.65 -12.80 -5.88
N MET A 188 -17.11 -11.99 -4.93
CA MET A 188 -18.36 -11.25 -5.09
C MET A 188 -18.25 -10.21 -6.22
N MET A 189 -17.12 -9.51 -6.27
CA MET A 189 -16.88 -8.50 -7.29
C MET A 189 -16.78 -9.15 -8.67
N ALA A 190 -16.09 -10.28 -8.76
CA ALA A 190 -15.94 -10.98 -10.03
C ALA A 190 -17.29 -11.49 -10.54
N GLN A 191 -18.14 -11.97 -9.64
CA GLN A 191 -19.45 -12.47 -10.06
C GLN A 191 -20.35 -11.34 -10.58
N GLN A 192 -20.24 -10.16 -9.97
CA GLN A 192 -21.02 -9.00 -10.37
C GLN A 192 -20.56 -8.40 -11.70
N CYS A 193 -19.27 -8.52 -11.99
CA CYS A 193 -18.71 -7.98 -13.23
C CYS A 193 -18.46 -9.03 -14.28
N ASP A 194 -18.97 -10.24 -14.06
CA ASP A 194 -18.80 -11.34 -15.00
C ASP A 194 -17.36 -11.67 -15.35
N LEU A 195 -16.48 -11.55 -14.35
CA LEU A 195 -15.06 -11.85 -14.52
C LEU A 195 -14.71 -13.10 -13.72
N GLU A 196 -13.57 -13.70 -14.04
CA GLU A 196 -13.08 -14.88 -13.35
C GLU A 196 -12.19 -14.37 -12.20
N VAL A 197 -11.90 -15.22 -11.22
CA VAL A 197 -11.06 -14.81 -10.11
C VAL A 197 -9.60 -14.94 -10.46
N GLY A 198 -8.82 -13.93 -10.07
CA GLY A 198 -7.40 -13.93 -10.34
C GLY A 198 -6.62 -14.19 -9.06
N ASP A 199 -5.70 -13.29 -8.78
CA ASP A 199 -4.85 -13.40 -7.59
C ASP A 199 -5.19 -12.40 -6.51
N PHE A 200 -5.00 -12.83 -5.25
CA PHE A 200 -5.15 -11.93 -4.12
C PHE A 200 -3.71 -11.76 -3.65
N VAL A 201 -3.21 -10.54 -3.74
CA VAL A 201 -1.85 -10.21 -3.32
C VAL A 201 -1.91 -9.49 -1.98
N TRP A 202 -1.25 -10.04 -0.98
CA TRP A 202 -1.22 -9.40 0.34
C TRP A 202 0.13 -8.73 0.60
N THR A 203 0.10 -7.45 0.99
CA THR A 203 1.31 -6.70 1.30
C THR A 203 1.18 -6.13 2.70
N GLY A 204 2.18 -6.37 3.55
CA GLY A 204 2.12 -5.87 4.90
C GLY A 204 3.21 -4.89 5.32
N GLY A 205 2.85 -4.04 6.26
CA GLY A 205 3.78 -3.07 6.80
C GLY A 205 4.45 -3.71 8.00
N ASP A 206 3.98 -3.34 9.20
CA ASP A 206 4.51 -3.90 10.43
C ASP A 206 3.81 -5.25 10.63
N THR A 207 4.43 -6.31 10.13
CA THR A 207 3.89 -7.66 10.23
C THR A 207 4.48 -8.28 11.49
N HIS A 208 3.61 -8.60 12.44
CA HIS A 208 4.08 -9.11 13.73
C HIS A 208 3.34 -10.26 14.39
N LEU A 209 4.04 -10.85 15.37
CA LEU A 209 3.55 -11.93 16.20
C LEU A 209 3.68 -11.46 17.64
N TYR A 210 2.58 -11.43 18.38
CA TYR A 210 2.62 -11.00 19.77
C TYR A 210 3.37 -12.00 20.64
N SER A 211 4.02 -11.49 21.67
CA SER A 211 4.80 -12.31 22.60
C SER A 211 4.00 -13.45 23.23
N ASN A 212 2.73 -13.20 23.53
CA ASN A 212 1.88 -14.22 24.13
C ASN A 212 1.23 -15.19 23.14
N HIS A 213 1.72 -15.21 21.91
CA HIS A 213 1.21 -16.12 20.88
C HIS A 213 2.28 -17.09 20.40
N MET A 214 3.46 -17.02 21.02
CA MET A 214 4.59 -17.87 20.63
C MET A 214 4.37 -19.39 20.67
N ASP A 215 3.82 -19.91 21.78
CA ASP A 215 3.58 -21.34 21.90
C ASP A 215 2.57 -21.83 20.87
N GLN A 216 1.51 -21.03 20.67
CA GLN A 216 0.47 -21.36 19.71
C GLN A 216 1.06 -21.38 18.31
N THR A 217 1.89 -20.38 18.01
CA THR A 217 2.55 -20.27 16.69
C THR A 217 3.36 -21.52 16.38
N HIS A 218 4.19 -21.96 17.31
CA HIS A 218 5.01 -23.15 17.08
C HIS A 218 4.19 -24.43 16.99
N LEU A 219 3.04 -24.44 17.68
CA LEU A 219 2.15 -25.59 17.65
C LEU A 219 1.55 -25.71 16.25
N GLN A 220 1.17 -24.56 15.69
CA GLN A 220 0.58 -24.53 14.36
C GLN A 220 1.60 -24.90 13.29
N LEU A 221 2.83 -24.41 13.46
CA LEU A 221 3.91 -24.69 12.52
C LEU A 221 4.28 -26.17 12.39
N SER A 222 3.90 -26.98 13.37
CA SER A 222 4.22 -28.40 13.32
C SER A 222 3.16 -29.21 12.54
N ARG A 223 2.17 -28.50 12.01
CA ARG A 223 1.11 -29.13 11.26
C ARG A 223 1.26 -29.00 9.76
N GLU A 224 0.84 -30.05 9.05
CA GLU A 224 0.89 -30.08 7.60
C GLU A 224 -0.44 -29.56 7.06
N PRO A 225 -0.41 -28.56 6.16
CA PRO A 225 -1.62 -28.02 5.57
C PRO A 225 -2.41 -29.08 4.83
N ARG A 226 -3.74 -28.96 4.91
CA ARG A 226 -4.66 -29.87 4.24
C ARG A 226 -5.02 -29.18 2.92
N PRO A 227 -5.73 -29.88 2.00
CA PRO A 227 -6.10 -29.25 0.72
C PRO A 227 -7.06 -28.08 0.95
N LEU A 228 -6.86 -27.01 0.19
CA LEU A 228 -7.68 -25.80 0.29
C LEU A 228 -9.15 -26.04 -0.05
N PRO A 229 -10.05 -25.48 0.76
CA PRO A 229 -11.50 -25.61 0.56
C PRO A 229 -11.98 -24.94 -0.73
N LYS A 230 -13.24 -25.16 -1.09
CA LYS A 230 -13.82 -24.60 -2.30
C LYS A 230 -15.01 -23.73 -1.93
N LEU A 231 -15.12 -22.57 -2.58
CA LEU A 231 -16.22 -21.66 -2.32
C LEU A 231 -17.29 -21.75 -3.40
N ILE A 232 -18.53 -22.00 -2.99
CA ILE A 232 -19.65 -22.10 -3.91
C ILE A 232 -20.70 -21.03 -3.57
N ILE A 233 -20.91 -20.13 -4.53
CA ILE A 233 -21.90 -19.06 -4.37
C ILE A 233 -23.15 -19.58 -5.07
N LYS A 234 -24.23 -19.73 -4.31
CA LYS A 234 -25.48 -20.26 -4.82
C LYS A 234 -26.47 -19.32 -5.51
N ARG A 235 -26.11 -18.06 -5.70
CA ARG A 235 -27.03 -17.11 -6.33
C ARG A 235 -26.27 -15.91 -6.87
N LYS A 236 -26.90 -15.18 -7.80
CA LYS A 236 -26.29 -13.97 -8.33
C LYS A 236 -27.26 -12.82 -8.09
N PRO A 237 -27.12 -12.12 -6.95
CA PRO A 237 -27.97 -10.98 -6.56
C PRO A 237 -27.91 -9.81 -7.55
N GLU A 238 -28.91 -8.95 -7.47
CA GLU A 238 -29.01 -7.79 -8.35
C GLU A 238 -27.88 -6.79 -8.11
N SER A 239 -27.33 -6.79 -6.90
CA SER A 239 -26.22 -5.90 -6.58
C SER A 239 -25.27 -6.55 -5.58
N ILE A 240 -24.09 -5.94 -5.45
CA ILE A 240 -23.04 -6.41 -4.56
C ILE A 240 -23.47 -6.22 -3.10
N PHE A 241 -24.47 -5.36 -2.87
CA PHE A 241 -25.00 -5.07 -1.54
C PHE A 241 -26.17 -5.98 -1.18
N ASP A 242 -26.52 -6.90 -2.07
CA ASP A 242 -27.66 -7.79 -1.84
C ASP A 242 -27.36 -9.23 -1.45
N TYR A 243 -26.11 -9.52 -1.10
CA TYR A 243 -25.74 -10.88 -0.71
C TYR A 243 -26.23 -11.19 0.70
N ARG A 244 -26.49 -12.47 0.94
CA ARG A 244 -26.92 -12.94 2.25
C ARG A 244 -25.94 -14.01 2.66
N PHE A 245 -25.88 -14.30 3.95
CA PHE A 245 -24.99 -15.33 4.49
C PHE A 245 -25.24 -16.67 3.81
N GLU A 246 -26.52 -16.98 3.56
CA GLU A 246 -26.93 -18.24 2.95
C GLU A 246 -26.51 -18.45 1.49
N ASP A 247 -26.05 -17.40 0.83
CA ASP A 247 -25.63 -17.52 -0.57
C ASP A 247 -24.27 -18.19 -0.69
N PHE A 248 -23.57 -18.32 0.42
CA PHE A 248 -22.23 -18.89 0.42
C PHE A 248 -22.18 -20.30 0.98
N GLU A 249 -21.38 -21.14 0.32
CA GLU A 249 -21.21 -22.52 0.72
C GLU A 249 -19.73 -22.85 0.58
N ILE A 250 -19.13 -23.35 1.65
CA ILE A 250 -17.73 -23.74 1.62
C ILE A 250 -17.70 -25.26 1.74
N GLU A 251 -17.09 -25.92 0.76
CA GLU A 251 -17.01 -27.37 0.79
C GLU A 251 -15.56 -27.85 0.82
N GLY A 252 -15.36 -29.07 1.31
CA GLY A 252 -14.02 -29.64 1.38
C GLY A 252 -13.13 -29.02 2.45
N TYR A 253 -13.74 -28.50 3.51
CA TYR A 253 -12.99 -27.88 4.59
C TYR A 253 -12.81 -28.88 5.74
N ASP A 254 -11.59 -29.41 5.85
CA ASP A 254 -11.22 -30.38 6.89
C ASP A 254 -9.96 -29.84 7.59
N PRO A 255 -10.14 -28.94 8.57
CA PRO A 255 -9.00 -28.36 9.27
C PRO A 255 -8.48 -29.11 10.49
N HIS A 256 -7.30 -28.70 10.92
CA HIS A 256 -6.68 -29.24 12.11
C HIS A 256 -7.43 -28.53 13.24
N PRO A 257 -7.36 -29.06 14.47
CA PRO A 257 -8.06 -28.44 15.61
C PRO A 257 -7.69 -26.98 15.85
N GLY A 258 -8.64 -26.24 16.43
CA GLY A 258 -8.44 -24.85 16.74
C GLY A 258 -7.47 -24.64 17.88
N ILE A 259 -6.81 -23.48 17.85
CA ILE A 259 -5.83 -23.09 18.86
C ILE A 259 -6.27 -21.73 19.38
N LYS A 260 -6.64 -21.65 20.66
CA LYS A 260 -7.11 -20.39 21.24
C LYS A 260 -5.96 -19.49 21.71
N ALA A 261 -6.11 -18.19 21.46
CA ALA A 261 -5.10 -17.21 21.85
C ALA A 261 -5.75 -15.88 22.21
N PRO A 262 -5.18 -15.16 23.19
CA PRO A 262 -5.70 -13.86 23.65
C PRO A 262 -5.45 -12.69 22.71
N VAL A 263 -6.47 -11.85 22.53
CA VAL A 263 -6.37 -10.68 21.67
C VAL A 263 -5.73 -9.55 22.49
N ALA A 264 -4.94 -8.71 21.82
CA ALA A 264 -4.31 -7.57 22.49
C ALA A 264 -5.13 -6.33 22.15
N ILE A 265 -5.81 -5.78 23.15
CA ILE A 265 -6.67 -4.61 22.97
C ILE A 265 -5.86 -3.31 22.91
C FMT B 1 21.40 -0.19 -11.73
O1 FMT B 1 20.93 0.50 -12.65
O2 FMT B 1 22.28 0.24 -10.96
N MET B 2 20.37 -0.92 -11.29
CA MET B 2 20.46 -1.74 -10.08
C MET B 2 20.01 -3.17 -10.34
N LYS B 3 20.58 -4.09 -9.58
CA LYS B 3 20.27 -5.52 -9.71
C LYS B 3 18.79 -5.86 -9.70
N GLN B 4 18.10 -5.50 -8.61
CA GLN B 4 16.67 -5.79 -8.48
C GLN B 4 15.81 -4.98 -9.45
N TYR B 5 16.30 -3.80 -9.83
CA TYR B 5 15.57 -2.94 -10.78
C TYR B 5 15.60 -3.58 -12.15
N LEU B 6 16.76 -4.09 -12.54
CA LEU B 6 16.94 -4.75 -13.83
C LEU B 6 16.17 -6.06 -13.85
N GLU B 7 16.06 -6.73 -12.71
CA GLU B 7 15.33 -7.99 -12.64
C GLU B 7 13.85 -7.74 -12.87
N LEU B 8 13.33 -6.63 -12.34
CA LEU B 8 11.93 -6.26 -12.50
C LEU B 8 11.66 -5.91 -13.97
N MET B 9 12.62 -5.21 -14.58
CA MET B 9 12.51 -4.81 -15.97
C MET B 9 12.38 -6.05 -16.87
N GLN B 10 13.16 -7.07 -16.57
CA GLN B 10 13.14 -8.32 -17.32
C GLN B 10 11.82 -9.04 -17.07
N LYS B 11 11.38 -9.06 -15.81
CA LYS B 11 10.14 -9.72 -15.40
C LYS B 11 8.93 -9.20 -16.18
N VAL B 12 8.86 -7.87 -16.35
CA VAL B 12 7.76 -7.24 -17.08
C VAL B 12 7.76 -7.72 -18.54
N LEU B 13 8.95 -7.86 -19.11
CA LEU B 13 9.09 -8.32 -20.49
C LEU B 13 8.64 -9.75 -20.66
N ASP B 14 9.05 -10.61 -19.73
CA ASP B 14 8.70 -12.03 -19.80
C ASP B 14 7.27 -12.37 -19.43
N GLU B 15 6.74 -11.72 -18.40
CA GLU B 15 5.40 -12.00 -17.92
C GLU B 15 4.34 -10.94 -18.13
N GLY B 16 4.69 -9.83 -18.78
CA GLY B 16 3.72 -8.77 -18.99
C GLY B 16 2.58 -9.08 -19.93
N THR B 17 1.42 -8.50 -19.64
CA THR B 17 0.21 -8.65 -20.44
C THR B 17 0.04 -7.32 -21.19
N GLN B 18 -0.27 -7.40 -22.49
CA GLN B 18 -0.47 -6.19 -23.30
C GLN B 18 -1.78 -5.54 -22.92
N LYS B 19 -1.75 -4.27 -22.54
CA LYS B 19 -2.96 -3.57 -22.14
C LYS B 19 -3.06 -2.24 -22.88
N ASN B 20 -4.28 -1.87 -23.27
CA ASN B 20 -4.54 -0.60 -23.93
C ASN B 20 -4.78 0.36 -22.77
N ASP B 21 -3.84 1.27 -22.56
CA ASP B 21 -3.95 2.22 -21.46
C ASP B 21 -4.61 3.56 -21.79
N ARG B 22 -4.77 4.35 -20.74
CA ARG B 22 -5.37 5.68 -20.78
C ARG B 22 -4.83 6.53 -21.93
N THR B 23 -3.51 6.50 -22.12
CA THR B 23 -2.86 7.28 -23.18
C THR B 23 -3.15 6.72 -24.57
N GLY B 24 -3.37 5.42 -24.65
CA GLY B 24 -3.61 4.76 -25.92
C GLY B 24 -2.32 4.30 -26.57
N THR B 25 -1.22 4.38 -25.82
CA THR B 25 0.10 3.98 -26.30
C THR B 25 0.30 2.45 -26.20
N GLY B 26 -0.30 1.86 -25.19
CA GLY B 26 -0.16 0.43 -24.97
C GLY B 26 0.99 0.13 -24.03
N THR B 27 0.78 -0.80 -23.11
CA THR B 27 1.81 -1.19 -22.16
C THR B 27 1.88 -2.70 -22.03
N LEU B 28 2.96 -3.14 -21.38
CA LEU B 28 3.20 -4.54 -21.08
C LEU B 28 3.24 -4.43 -19.56
N SER B 29 2.31 -5.09 -18.85
CA SER B 29 2.31 -4.94 -17.39
C SER B 29 2.05 -6.16 -16.51
N ILE B 30 2.53 -6.04 -15.27
CA ILE B 30 2.33 -7.06 -14.25
C ILE B 30 1.66 -6.35 -13.08
N PHE B 31 1.06 -7.11 -12.19
CA PHE B 31 0.38 -6.56 -11.03
C PHE B 31 0.92 -7.17 -9.75
N GLY B 32 1.42 -6.29 -8.87
CA GLY B 32 1.95 -6.73 -7.60
C GLY B 32 3.42 -7.10 -7.63
N HIS B 33 4.24 -6.22 -7.07
CA HIS B 33 5.68 -6.46 -7.01
C HIS B 33 6.28 -5.72 -5.81
N GLN B 34 7.38 -6.23 -5.29
CA GLN B 34 8.05 -5.61 -4.14
C GLN B 34 9.56 -5.73 -4.24
N MET B 35 10.25 -4.65 -3.89
CA MET B 35 11.72 -4.62 -3.89
C MET B 35 12.18 -3.97 -2.60
N ARG B 36 13.31 -4.44 -2.07
CA ARG B 36 13.85 -3.88 -0.84
C ARG B 36 15.23 -3.34 -1.14
N PHE B 37 15.52 -2.17 -0.59
CA PHE B 37 16.83 -1.54 -0.78
C PHE B 37 17.43 -1.19 0.56
N ASN B 38 18.51 -1.89 0.93
CA ASN B 38 19.19 -1.61 2.18
C ASN B 38 19.98 -0.33 1.94
N LEU B 39 19.52 0.77 2.54
CA LEU B 39 20.15 2.07 2.35
C LEU B 39 21.56 2.17 2.95
N GLN B 40 21.91 1.20 3.78
CA GLN B 40 23.24 1.17 4.39
C GLN B 40 24.27 0.80 3.32
N ASP B 41 23.80 0.08 2.29
CA ASP B 41 24.64 -0.37 1.18
C ASP B 41 24.92 0.72 0.15
N GLY B 42 24.22 1.84 0.25
CA GLY B 42 24.42 2.92 -0.69
C GLY B 42 23.11 3.51 -1.18
N PHE B 43 23.22 4.66 -1.84
CA PHE B 43 22.06 5.36 -2.36
C PHE B 43 21.56 4.64 -3.62
N PRO B 44 20.29 4.18 -3.62
CA PRO B 44 19.71 3.48 -4.76
C PRO B 44 19.42 4.37 -5.98
N LEU B 45 20.47 4.83 -6.64
CA LEU B 45 20.38 5.68 -7.82
C LEU B 45 20.88 4.80 -8.96
N VAL B 46 20.03 4.57 -9.97
CA VAL B 46 20.36 3.73 -11.12
C VAL B 46 21.71 4.07 -11.78
N THR B 47 22.53 3.04 -12.01
CA THR B 47 23.83 3.28 -12.65
C THR B 47 23.84 2.81 -14.10
N THR B 48 22.86 2.00 -14.49
CA THR B 48 22.80 1.52 -15.86
C THR B 48 22.37 2.61 -16.85
N LYS B 49 22.09 3.80 -16.32
CA LYS B 49 21.74 4.98 -17.10
C LYS B 49 21.91 6.17 -16.19
N ARG B 50 22.36 7.29 -16.75
CA ARG B 50 22.56 8.50 -15.96
C ARG B 50 21.27 9.23 -15.59
N CYS B 51 21.02 9.35 -14.29
CA CYS B 51 19.84 10.06 -13.79
C CYS B 51 20.29 11.40 -13.20
N HIS B 52 19.44 12.42 -13.32
CA HIS B 52 19.77 13.74 -12.78
C HIS B 52 19.11 14.05 -11.45
N LEU B 53 19.94 14.31 -10.45
CA LEU B 53 19.49 14.62 -9.09
C LEU B 53 18.78 15.94 -8.90
N ARG B 54 19.09 16.96 -9.71
CA ARG B 54 18.45 18.26 -9.52
C ARG B 54 16.92 18.27 -9.66
N SER B 55 16.40 17.47 -10.56
CA SER B 55 14.95 17.39 -10.74
C SER B 55 14.33 16.64 -9.56
N ILE B 56 15.03 15.61 -9.13
CA ILE B 56 14.58 14.77 -8.03
C ILE B 56 14.59 15.56 -6.72
N ILE B 57 15.70 16.22 -6.43
CA ILE B 57 15.86 17.01 -5.21
C ILE B 57 14.92 18.20 -5.13
N HIS B 58 14.78 18.95 -6.22
CA HIS B 58 13.89 20.11 -6.21
C HIS B 58 12.42 19.74 -6.08
N GLU B 59 12.03 18.62 -6.69
CA GLU B 59 10.63 18.18 -6.61
C GLU B 59 10.29 17.80 -5.16
N LEU B 60 11.22 17.12 -4.47
CA LEU B 60 11.00 16.72 -3.08
C LEU B 60 10.89 17.92 -2.16
N LEU B 61 11.79 18.89 -2.31
CA LEU B 61 11.77 20.08 -1.48
C LEU B 61 10.49 20.87 -1.76
N TRP B 62 10.05 20.81 -3.00
CA TRP B 62 8.84 21.47 -3.46
C TRP B 62 7.64 20.82 -2.75
N PHE B 63 7.65 19.49 -2.66
CA PHE B 63 6.60 18.74 -1.97
C PHE B 63 6.50 19.18 -0.52
N LEU B 64 7.63 19.13 0.18
CA LEU B 64 7.70 19.50 1.58
C LEU B 64 7.30 20.94 1.87
N GLN B 65 7.32 21.78 0.84
CA GLN B 65 6.91 23.18 1.00
C GLN B 65 5.39 23.28 1.05
N GLY B 66 4.72 22.30 0.45
CA GLY B 66 3.26 22.30 0.42
C GLY B 66 2.78 23.06 -0.79
N ASP B 67 3.71 23.28 -1.73
CA ASP B 67 3.45 24.00 -2.97
C ASP B 67 2.90 23.08 -4.04
N THR B 68 1.91 23.56 -4.79
CA THR B 68 1.30 22.79 -5.88
C THR B 68 1.39 23.52 -7.22
N ASN B 69 2.10 24.65 -7.23
CA ASN B 69 2.27 25.43 -8.43
C ASN B 69 3.71 25.24 -8.94
N ILE B 70 3.86 24.94 -10.22
CA ILE B 70 5.19 24.69 -10.79
C ILE B 70 6.12 25.90 -10.93
N ALA B 71 5.73 27.05 -10.38
CA ALA B 71 6.56 28.26 -10.44
C ALA B 71 7.95 27.98 -9.88
N TYR B 72 7.99 27.44 -8.66
CA TYR B 72 9.25 27.12 -8.00
C TYR B 72 10.12 26.21 -8.86
N LEU B 73 9.50 25.19 -9.45
CA LEU B 73 10.21 24.23 -10.29
C LEU B 73 10.88 24.89 -11.48
N HIS B 74 10.22 25.87 -12.06
CA HIS B 74 10.76 26.58 -13.21
C HIS B 74 11.95 27.44 -12.82
N GLU B 75 11.87 28.09 -11.67
CA GLU B 75 12.96 28.94 -11.19
C GLU B 75 14.23 28.10 -11.10
N ASN B 76 14.05 26.80 -10.91
CA ASN B 76 15.17 25.88 -10.80
C ASN B 76 15.35 24.96 -12.00
N ASN B 77 14.80 25.38 -13.13
CA ASN B 77 14.91 24.63 -14.39
C ASN B 77 14.43 23.18 -14.38
N VAL B 78 13.36 22.92 -13.66
CA VAL B 78 12.77 21.59 -13.58
C VAL B 78 11.46 21.69 -14.36
N THR B 79 11.30 20.83 -15.36
CA THR B 79 10.11 20.86 -16.20
C THR B 79 9.22 19.62 -16.19
N ILE B 80 9.50 18.68 -15.30
CA ILE B 80 8.74 17.42 -15.24
C ILE B 80 7.21 17.51 -15.09
N TRP B 81 6.70 18.61 -14.53
CA TRP B 81 5.26 18.76 -14.35
C TRP B 81 4.61 19.76 -15.29
N ASP B 82 5.24 20.01 -16.43
CA ASP B 82 4.71 20.98 -17.39
C ASP B 82 3.51 20.49 -18.20
N GLU B 83 3.54 19.22 -18.60
CA GLU B 83 2.47 18.64 -19.40
C GLU B 83 1.13 18.44 -18.68
N TRP B 84 1.13 18.61 -17.36
CA TRP B 84 -0.08 18.42 -16.56
C TRP B 84 -0.58 19.67 -15.86
N ALA B 85 0.27 20.70 -15.82
CA ALA B 85 -0.09 21.96 -15.17
C ALA B 85 -0.99 22.79 -16.08
N ASP B 86 -1.84 23.62 -15.48
CA ASP B 86 -2.75 24.46 -16.26
C ASP B 86 -2.10 25.76 -16.75
N GLU B 87 -2.96 26.66 -17.23
CA GLU B 87 -2.55 27.96 -17.75
C GLU B 87 -1.84 28.80 -16.66
N ASN B 88 -2.23 28.60 -15.41
CA ASN B 88 -1.63 29.34 -14.29
C ASN B 88 -0.49 28.61 -13.60
N GLY B 89 -0.16 27.42 -14.10
CA GLY B 89 0.91 26.65 -13.50
C GLY B 89 0.51 25.70 -12.37
N ASP B 90 -0.75 25.75 -11.96
CA ASP B 90 -1.26 24.89 -10.90
C ASP B 90 -1.53 23.45 -11.34
N LEU B 91 -1.40 22.52 -10.39
CA LEU B 91 -1.64 21.10 -10.62
C LEU B 91 -2.85 20.62 -9.81
N GLY B 92 -3.39 21.51 -8.99
CA GLY B 92 -4.50 21.17 -8.13
C GLY B 92 -3.94 20.68 -6.80
N PRO B 93 -4.78 20.18 -5.87
CA PRO B 93 -4.32 19.69 -4.57
C PRO B 93 -3.57 18.35 -4.61
N VAL B 94 -2.46 18.32 -5.33
CA VAL B 94 -1.64 17.12 -5.47
C VAL B 94 -0.72 16.93 -4.25
N TYR B 95 0.16 15.94 -4.33
CA TYR B 95 1.11 15.59 -3.27
C TYR B 95 1.39 16.64 -2.20
N GLY B 96 2.04 17.74 -2.59
CA GLY B 96 2.38 18.80 -1.67
C GLY B 96 1.28 19.26 -0.74
N LYS B 97 0.09 19.50 -1.29
CA LYS B 97 -1.05 19.96 -0.49
C LYS B 97 -1.49 18.90 0.52
N GLN B 98 -1.56 17.64 0.10
CA GLN B 98 -1.98 16.56 0.98
C GLN B 98 -1.00 16.26 2.11
N TRP B 99 0.30 16.41 1.83
CA TRP B 99 1.34 16.16 2.81
C TRP B 99 1.35 17.19 3.93
N ARG B 100 1.17 18.45 3.56
CA ARG B 100 1.22 19.54 4.52
C ARG B 100 -0.11 20.08 5.02
N ALA B 101 -1.18 19.90 4.27
CA ALA B 101 -2.46 20.44 4.68
C ALA B 101 -3.69 19.67 4.22
N TRP B 102 -3.77 18.41 4.63
CA TRP B 102 -4.90 17.54 4.30
C TRP B 102 -6.15 18.21 4.88
N PRO B 103 -7.13 18.52 4.04
CA PRO B 103 -8.36 19.17 4.53
C PRO B 103 -9.39 18.23 5.14
N THR B 104 -9.82 18.54 6.37
CA THR B 104 -10.84 17.75 7.06
C THR B 104 -12.20 18.22 6.52
N PRO B 105 -13.26 17.42 6.73
CA PRO B 105 -14.59 17.81 6.23
C PRO B 105 -15.08 19.09 6.91
N ASP B 106 -14.61 19.35 8.13
CA ASP B 106 -15.02 20.53 8.89
C ASP B 106 -14.18 21.80 8.69
N GLY B 107 -13.31 21.80 7.68
CA GLY B 107 -12.50 22.97 7.41
C GLY B 107 -11.07 23.02 7.92
N ARG B 108 -10.74 22.19 8.90
CA ARG B 108 -9.39 22.17 9.44
C ARG B 108 -8.40 21.53 8.45
N HIS B 109 -7.12 21.54 8.81
CA HIS B 109 -6.08 20.94 7.98
C HIS B 109 -5.11 20.15 8.86
N ILE B 110 -4.67 19.01 8.35
CA ILE B 110 -3.73 18.14 9.06
C ILE B 110 -2.37 18.20 8.37
N ASP B 111 -1.32 18.40 9.15
CA ASP B 111 0.03 18.46 8.62
C ASP B 111 0.65 17.09 8.83
N GLN B 112 0.51 16.22 7.84
CA GLN B 112 1.03 14.86 7.95
C GLN B 112 2.52 14.75 8.21
N ILE B 113 3.30 15.69 7.67
CA ILE B 113 4.76 15.65 7.87
C ILE B 113 5.16 15.99 9.30
N THR B 114 4.53 17.02 9.86
CA THR B 114 4.80 17.44 11.23
C THR B 114 4.37 16.30 12.17
N THR B 115 3.22 15.71 11.88
CA THR B 115 2.71 14.60 12.67
C THR B 115 3.72 13.46 12.67
N VAL B 116 4.16 13.06 11.48
CA VAL B 116 5.13 11.98 11.33
C VAL B 116 6.43 12.27 12.09
N LEU B 117 6.92 13.50 12.00
CA LEU B 117 8.13 13.90 12.72
C LEU B 117 7.98 13.68 14.22
N ASN B 118 6.85 14.14 14.75
CA ASN B 118 6.56 14.03 16.17
C ASN B 118 6.36 12.59 16.62
N GLN B 119 5.83 11.75 15.74
CA GLN B 119 5.63 10.36 16.06
C GLN B 119 6.99 9.66 16.12
N LEU B 120 7.86 9.96 15.16
CA LEU B 120 9.18 9.35 15.13
C LEU B 120 9.98 9.73 16.37
N LYS B 121 9.79 10.96 16.84
CA LYS B 121 10.51 11.46 18.00
C LYS B 121 9.88 11.10 19.33
N ASN B 122 8.56 10.94 19.37
CA ASN B 122 7.88 10.64 20.63
C ASN B 122 7.32 9.24 20.77
N ASP B 123 6.98 8.62 19.66
CA ASP B 123 6.40 7.29 19.67
C ASP B 123 6.94 6.47 18.48
N PRO B 124 8.26 6.22 18.43
CA PRO B 124 8.89 5.47 17.35
C PRO B 124 8.37 4.06 17.07
N ASP B 125 7.84 3.38 18.09
CA ASP B 125 7.31 2.03 17.92
C ASP B 125 5.93 1.99 17.26
N SER B 126 5.36 3.16 16.98
CA SER B 126 4.04 3.24 16.37
C SER B 126 3.95 2.53 15.03
N ARG B 127 2.81 1.88 14.82
CA ARG B 127 2.52 1.15 13.60
C ARG B 127 1.56 1.97 12.73
N ARG B 128 1.44 3.26 13.06
CA ARG B 128 0.56 4.20 12.37
C ARG B 128 1.31 5.40 11.80
N ILE B 129 2.63 5.28 11.61
CA ILE B 129 3.41 6.39 11.07
C ILE B 129 3.28 6.40 9.56
N ILE B 130 2.15 6.96 9.12
CA ILE B 130 1.78 6.99 7.71
C ILE B 130 1.55 8.39 7.15
N VAL B 131 1.80 8.54 5.86
CA VAL B 131 1.52 9.77 5.12
C VAL B 131 0.75 9.28 3.89
N SER B 132 -0.41 9.90 3.62
CA SER B 132 -1.21 9.51 2.48
C SER B 132 -1.52 10.70 1.59
N ALA B 133 -1.35 10.49 0.28
CA ALA B 133 -1.65 11.52 -0.70
C ALA B 133 -2.96 11.18 -1.39
N TRP B 134 -3.48 9.98 -1.09
CA TRP B 134 -4.73 9.50 -1.68
C TRP B 134 -5.97 10.07 -1.00
N ASN B 135 -6.26 11.32 -1.29
CA ASN B 135 -7.42 12.00 -0.73
C ASN B 135 -8.56 11.81 -1.72
N VAL B 136 -9.40 10.82 -1.46
CA VAL B 136 -10.55 10.48 -2.31
C VAL B 136 -11.47 11.68 -2.62
N GLY B 137 -11.65 12.55 -1.64
CA GLY B 137 -12.50 13.72 -1.82
C GLY B 137 -11.99 14.85 -2.69
N GLU B 138 -10.69 14.83 -3.00
CA GLU B 138 -10.09 15.88 -3.83
C GLU B 138 -9.47 15.33 -5.11
N LEU B 139 -9.64 14.03 -5.33
CA LEU B 139 -9.11 13.34 -6.50
C LEU B 139 -9.53 13.98 -7.82
N ASP B 140 -10.79 14.39 -7.90
CA ASP B 140 -11.33 15.01 -9.11
C ASP B 140 -10.78 16.41 -9.37
N LYS B 141 -10.18 17.02 -8.36
CA LYS B 141 -9.61 18.35 -8.47
C LYS B 141 -8.12 18.34 -8.81
N MET B 142 -7.53 17.15 -8.84
CA MET B 142 -6.11 17.00 -9.14
C MET B 142 -5.83 16.80 -10.64
N ALA B 143 -4.77 17.43 -11.15
CA ALA B 143 -4.38 17.30 -12.56
C ALA B 143 -4.08 15.85 -12.94
N LEU B 144 -3.61 15.08 -11.96
CA LEU B 144 -3.28 13.67 -12.16
C LEU B 144 -3.39 13.01 -10.80
N ALA B 145 -4.03 11.85 -10.73
CA ALA B 145 -4.16 11.13 -9.46
C ALA B 145 -2.77 10.68 -9.00
N PRO B 146 -2.47 10.79 -7.70
CA PRO B 146 -1.17 10.41 -7.15
C PRO B 146 -0.74 8.97 -7.50
N CYS B 147 0.48 8.82 -8.01
CA CYS B 147 1.02 7.51 -8.36
C CYS B 147 1.61 6.87 -7.11
N HIS B 148 2.56 7.58 -6.50
CA HIS B 148 3.14 7.13 -5.24
C HIS B 148 2.18 7.76 -4.26
N ALA B 149 1.19 6.96 -3.85
CA ALA B 149 0.13 7.45 -3.00
C ALA B 149 0.13 7.18 -1.51
N PHE B 150 0.88 6.20 -1.06
CA PHE B 150 0.83 5.82 0.35
C PHE B 150 2.21 5.36 0.86
N PHE B 151 2.66 5.94 1.97
CA PHE B 151 3.93 5.49 2.56
C PHE B 151 3.93 5.43 4.09
N GLN B 152 4.64 4.44 4.61
CA GLN B 152 4.73 4.20 6.04
C GLN B 152 6.16 4.11 6.55
N PHE B 153 6.42 4.75 7.69
CA PHE B 153 7.73 4.73 8.32
C PHE B 153 7.77 3.66 9.40
N TYR B 154 8.97 3.19 9.74
CA TYR B 154 9.14 2.14 10.72
C TYR B 154 10.49 2.29 11.40
N VAL B 155 10.52 2.07 12.72
CA VAL B 155 11.75 2.17 13.48
C VAL B 155 12.01 0.88 14.24
N ALA B 156 13.23 0.37 14.11
CA ALA B 156 13.65 -0.86 14.80
C ALA B 156 15.17 -0.83 14.90
N ASP B 157 15.68 -1.10 16.10
CA ASP B 157 17.12 -1.11 16.35
C ASP B 157 17.79 0.22 16.00
N GLY B 158 17.06 1.32 16.18
CA GLY B 158 17.61 2.62 15.88
C GLY B 158 17.67 2.94 14.40
N LYS B 159 17.09 2.09 13.57
CA LYS B 159 17.08 2.31 12.13
C LYS B 159 15.70 2.66 11.60
N LEU B 160 15.65 3.63 10.70
CA LEU B 160 14.41 4.09 10.08
C LEU B 160 14.22 3.46 8.70
N SER B 161 13.08 2.80 8.53
CA SER B 161 12.72 2.18 7.28
C SER B 161 11.48 2.85 6.72
N CYS B 162 11.23 2.65 5.44
CA CYS B 162 10.07 3.24 4.78
C CYS B 162 9.57 2.35 3.67
N GLN B 163 8.26 2.17 3.60
CA GLN B 163 7.64 1.37 2.54
C GLN B 163 6.69 2.28 1.79
N LEU B 164 6.82 2.27 0.47
CA LEU B 164 5.98 3.06 -0.39
C LEU B 164 5.08 2.18 -1.25
N TYR B 165 3.83 2.59 -1.40
CA TYR B 165 2.89 1.87 -2.25
C TYR B 165 2.65 2.74 -3.48
N GLN B 166 3.05 2.25 -4.64
CA GLN B 166 2.86 2.97 -5.88
C GLN B 166 1.82 2.22 -6.69
N ARG B 167 0.67 2.83 -6.90
CA ARG B 167 -0.43 2.22 -7.64
C ARG B 167 -0.14 2.00 -9.12
N SER B 168 0.54 2.97 -9.72
CA SER B 168 0.88 2.88 -11.13
C SER B 168 2.35 3.21 -11.29
N CYS B 169 3.06 2.36 -12.04
CA CYS B 169 4.48 2.58 -12.21
C CYS B 169 5.02 2.41 -13.62
N ASP B 170 5.62 3.47 -14.13
CA ASP B 170 6.25 3.49 -15.44
C ASP B 170 7.67 3.04 -15.09
N VAL B 171 7.97 1.77 -15.33
CA VAL B 171 9.28 1.21 -14.99
C VAL B 171 10.47 1.97 -15.55
N PHE B 172 10.41 2.34 -16.83
CA PHE B 172 11.53 3.03 -17.45
C PHE B 172 11.79 4.47 -17.00
N LEU B 173 10.80 5.34 -17.11
CA LEU B 173 10.95 6.75 -16.74
C LEU B 173 10.70 7.11 -15.28
N GLY B 174 9.53 6.71 -14.78
CA GLY B 174 9.15 7.03 -13.42
C GLY B 174 9.88 6.36 -12.29
N LEU B 175 10.00 5.04 -12.34
CA LEU B 175 10.63 4.27 -11.28
C LEU B 175 11.97 4.77 -10.74
N PRO B 176 12.97 5.00 -11.62
CA PRO B 176 14.27 5.47 -11.14
C PRO B 176 14.14 6.77 -10.33
N PHE B 177 13.22 7.64 -10.75
CA PHE B 177 12.97 8.90 -10.06
C PHE B 177 12.38 8.66 -8.68
N ASN B 178 11.30 7.88 -8.65
CA ASN B 178 10.58 7.56 -7.43
C ASN B 178 11.43 6.95 -6.32
N ILE B 179 12.23 5.94 -6.68
CA ILE B 179 13.10 5.26 -5.70
C ILE B 179 14.07 6.23 -5.05
N ALA B 180 14.78 7.01 -5.86
CA ALA B 180 15.75 7.97 -5.39
C ALA B 180 15.07 9.08 -4.57
N SER B 181 13.85 9.44 -4.96
CA SER B 181 13.09 10.49 -4.29
C SER B 181 12.76 10.09 -2.85
N TYR B 182 12.34 8.84 -2.66
CA TYR B 182 11.98 8.36 -1.33
C TYR B 182 13.17 7.97 -0.47
N ALA B 183 14.26 7.54 -1.11
CA ALA B 183 15.48 7.18 -0.38
C ALA B 183 16.05 8.44 0.25
N LEU B 184 15.91 9.54 -0.49
CA LEU B 184 16.38 10.85 -0.05
C LEU B 184 15.59 11.34 1.17
N LEU B 185 14.27 11.18 1.13
CA LEU B 185 13.39 11.59 2.23
C LEU B 185 13.72 10.84 3.52
N VAL B 186 13.98 9.54 3.41
CA VAL B 186 14.33 8.72 4.57
C VAL B 186 15.61 9.27 5.21
N HIS B 187 16.56 9.71 4.39
CA HIS B 187 17.81 10.27 4.87
C HIS B 187 17.61 11.57 5.60
N MET B 188 16.73 12.41 5.08
CA MET B 188 16.43 13.69 5.70
C MET B 188 15.72 13.45 7.03
N MET B 189 14.76 12.52 7.01
CA MET B 189 13.98 12.16 8.20
C MET B 189 14.88 11.57 9.28
N ALA B 190 15.77 10.66 8.89
CA ALA B 190 16.69 10.01 9.83
C ALA B 190 17.60 11.05 10.49
N GLN B 191 18.09 12.00 9.71
CA GLN B 191 18.97 13.04 10.26
C GLN B 191 18.23 13.91 11.26
N GLN B 192 17.01 14.32 10.91
CA GLN B 192 16.19 15.16 11.78
C GLN B 192 15.68 14.46 13.03
N CYS B 193 15.70 13.12 13.02
CA CYS B 193 15.23 12.35 14.16
C CYS B 193 16.34 11.54 14.82
N ASP B 194 17.59 11.85 14.48
CA ASP B 194 18.73 11.15 15.05
C ASP B 194 18.64 9.63 15.00
N LEU B 195 18.40 9.10 13.80
CA LEU B 195 18.29 7.67 13.57
C LEU B 195 19.17 7.28 12.39
N GLU B 196 19.53 6.01 12.33
CA GLU B 196 20.34 5.49 11.23
C GLU B 196 19.35 5.07 10.13
N VAL B 197 19.83 4.99 8.89
CA VAL B 197 18.95 4.61 7.79
C VAL B 197 18.80 3.10 7.72
N GLY B 198 17.63 2.64 7.31
CA GLY B 198 17.39 1.21 7.20
C GLY B 198 17.08 0.75 5.80
N ASP B 199 15.89 0.22 5.61
CA ASP B 199 15.45 -0.29 4.32
C ASP B 199 14.40 0.56 3.65
N PHE B 200 14.46 0.61 2.32
CA PHE B 200 13.44 1.28 1.55
C PHE B 200 12.76 0.16 0.78
N VAL B 201 11.49 -0.06 1.11
CA VAL B 201 10.70 -1.10 0.48
C VAL B 201 9.74 -0.47 -0.52
N TRP B 202 9.85 -0.91 -1.77
CA TRP B 202 9.00 -0.42 -2.84
C TRP B 202 7.98 -1.50 -3.20
N THR B 203 6.71 -1.11 -3.18
CA THR B 203 5.61 -2.02 -3.52
C THR B 203 4.80 -1.36 -4.62
N GLY B 204 4.53 -2.12 -5.69
CA GLY B 204 3.78 -1.57 -6.79
C GLY B 204 2.53 -2.32 -7.18
N GLY B 205 1.61 -1.58 -7.79
CA GLY B 205 0.37 -2.16 -8.27
C GLY B 205 0.58 -2.51 -9.73
N ASP B 206 0.05 -1.67 -10.61
CA ASP B 206 0.18 -1.87 -12.05
C ASP B 206 1.59 -1.41 -12.46
N THR B 207 2.51 -2.36 -12.53
CA THR B 207 3.91 -2.08 -12.88
C THR B 207 4.03 -2.35 -14.38
N HIS B 208 4.31 -1.29 -15.16
CA HIS B 208 4.35 -1.43 -16.60
C HIS B 208 5.53 -0.85 -17.35
N LEU B 209 5.60 -1.25 -18.61
CA LEU B 209 6.63 -0.82 -19.54
C LEU B 209 5.90 -0.43 -20.83
N TYR B 210 5.95 0.86 -21.17
CA TYR B 210 5.28 1.35 -22.39
C TYR B 210 5.91 0.80 -23.66
N SER B 211 5.08 0.43 -24.63
CA SER B 211 5.53 -0.15 -25.89
C SER B 211 6.59 0.66 -26.64
N ASN B 212 6.54 1.98 -26.54
CA ASN B 212 7.52 2.83 -27.22
C ASN B 212 8.79 3.07 -26.39
N HIS B 213 9.08 2.14 -25.48
CA HIS B 213 10.28 2.20 -24.63
C HIS B 213 11.05 0.89 -24.70
N MET B 214 10.55 -0.04 -25.52
CA MET B 214 11.15 -1.37 -25.68
C MET B 214 12.61 -1.38 -26.11
N ASP B 215 12.96 -0.55 -27.08
CA ASP B 215 14.34 -0.47 -27.56
C ASP B 215 15.24 0.01 -26.44
N GLN B 216 14.79 1.06 -25.75
CA GLN B 216 15.55 1.63 -24.65
C GLN B 216 15.70 0.63 -23.51
N THR B 217 14.66 -0.17 -23.28
CA THR B 217 14.68 -1.19 -22.23
C THR B 217 15.73 -2.24 -22.54
N HIS B 218 15.71 -2.73 -23.79
CA HIS B 218 16.66 -3.74 -24.24
C HIS B 218 18.11 -3.27 -24.16
N LEU B 219 18.31 -1.98 -24.40
CA LEU B 219 19.62 -1.36 -24.36
C LEU B 219 20.12 -1.40 -22.93
N GLN B 220 19.31 -0.87 -22.02
CA GLN B 220 19.65 -0.82 -20.59
C GLN B 220 19.89 -2.21 -20.00
N LEU B 221 19.11 -3.18 -20.43
CA LEU B 221 19.24 -4.56 -19.93
C LEU B 221 20.56 -5.25 -20.26
N SER B 222 21.31 -4.70 -21.20
CA SER B 222 22.58 -5.29 -21.57
C SER B 222 23.76 -4.63 -20.86
N ARG B 223 23.47 -3.66 -20.00
CA ARG B 223 24.51 -2.94 -19.27
C ARG B 223 24.68 -3.49 -17.86
N GLU B 224 25.93 -3.70 -17.47
CA GLU B 224 26.25 -4.24 -16.14
C GLU B 224 26.19 -3.14 -15.09
N PRO B 225 25.41 -3.36 -14.01
CA PRO B 225 25.28 -2.37 -12.93
C PRO B 225 26.61 -2.17 -12.21
N ARG B 226 26.91 -0.91 -11.92
CA ARG B 226 28.13 -0.53 -11.24
C ARG B 226 27.79 -0.20 -9.78
N PRO B 227 28.79 -0.24 -8.87
CA PRO B 227 28.59 0.05 -7.44
C PRO B 227 27.77 1.31 -7.19
N LEU B 228 26.89 1.23 -6.20
CA LEU B 228 26.02 2.31 -5.82
C LEU B 228 26.75 3.47 -5.17
N PRO B 229 26.30 4.71 -5.42
CA PRO B 229 26.89 5.92 -4.87
C PRO B 229 26.63 6.10 -3.37
N LYS B 230 27.12 7.19 -2.81
CA LYS B 230 26.96 7.48 -1.40
C LYS B 230 26.43 8.90 -1.28
N LEU B 231 25.37 9.07 -0.49
CA LEU B 231 24.78 10.38 -0.29
C LEU B 231 25.39 11.01 0.95
N ILE B 232 25.74 12.29 0.81
CA ILE B 232 26.31 13.05 1.90
C ILE B 232 25.48 14.32 2.08
N ILE B 233 25.01 14.52 3.30
CA ILE B 233 24.23 15.70 3.65
C ILE B 233 25.19 16.62 4.38
N LYS B 234 25.59 17.68 3.70
CA LYS B 234 26.56 18.64 4.23
C LYS B 234 26.18 19.57 5.38
N ARG B 235 24.90 19.78 5.61
CA ARG B 235 24.47 20.65 6.68
C ARG B 235 23.20 20.13 7.32
N LYS B 236 23.09 20.24 8.64
CA LYS B 236 21.89 19.79 9.33
C LYS B 236 21.05 21.02 9.69
N PRO B 237 19.96 21.29 8.94
CA PRO B 237 19.05 22.41 9.14
C PRO B 237 18.27 22.38 10.43
N GLU B 238 17.64 23.51 10.77
CA GLU B 238 16.85 23.65 11.99
C GLU B 238 15.60 22.76 11.95
N SER B 239 15.15 22.41 10.75
CA SER B 239 13.99 21.55 10.58
C SER B 239 14.00 20.86 9.23
N ILE B 240 13.06 19.92 9.05
CA ILE B 240 12.93 19.14 7.82
C ILE B 240 12.50 20.04 6.64
N PHE B 241 12.01 21.24 6.96
CA PHE B 241 11.55 22.19 5.94
C PHE B 241 12.62 23.20 5.55
N ASP B 242 13.82 23.08 6.12
CA ASP B 242 14.88 24.03 5.83
C ASP B 242 16.03 23.52 4.96
N TYR B 243 15.84 22.41 4.28
CA TYR B 243 16.89 21.87 3.42
C TYR B 243 16.95 22.62 2.09
N ARG B 244 18.16 22.72 1.54
CA ARG B 244 18.36 23.40 0.25
C ARG B 244 19.05 22.42 -0.69
N PHE B 245 19.05 22.75 -1.98
CA PHE B 245 19.69 21.92 -3.00
C PHE B 245 21.19 21.82 -2.71
N GLU B 246 21.74 22.92 -2.18
CA GLU B 246 23.16 23.01 -1.83
C GLU B 246 23.61 22.02 -0.76
N ASP B 247 22.67 21.53 0.04
CA ASP B 247 22.98 20.60 1.14
C ASP B 247 23.24 19.14 0.76
N PHE B 248 22.93 18.77 -0.48
CA PHE B 248 23.10 17.39 -0.92
C PHE B 248 24.23 17.14 -1.90
N GLU B 249 24.99 16.09 -1.66
CA GLU B 249 26.13 15.73 -2.50
C GLU B 249 26.13 14.22 -2.68
N ILE B 250 26.49 13.77 -3.88
CA ILE B 250 26.56 12.35 -4.22
C ILE B 250 28.01 11.98 -4.58
N GLU B 251 28.59 11.02 -3.85
CA GLU B 251 29.96 10.59 -4.11
C GLU B 251 30.01 9.24 -4.80
N GLY B 252 30.97 9.08 -5.70
CA GLY B 252 31.17 7.82 -6.41
C GLY B 252 30.13 7.38 -7.41
N TYR B 253 29.39 8.33 -7.99
CA TYR B 253 28.37 8.00 -8.97
C TYR B 253 28.99 7.96 -10.37
N ASP B 254 29.22 6.75 -10.87
CA ASP B 254 29.81 6.55 -12.18
C ASP B 254 28.84 5.73 -13.05
N PRO B 255 27.80 6.38 -13.59
CA PRO B 255 26.80 5.69 -14.43
C PRO B 255 27.14 5.56 -15.90
N HIS B 256 26.37 4.70 -16.58
CA HIS B 256 26.50 4.50 -18.01
C HIS B 256 25.78 5.73 -18.58
N PRO B 257 26.09 6.13 -19.82
CA PRO B 257 25.42 7.29 -20.42
C PRO B 257 23.90 7.19 -20.40
N GLY B 258 23.24 8.34 -20.30
CA GLY B 258 21.79 8.39 -20.28
C GLY B 258 21.14 7.88 -21.56
N ILE B 259 19.87 7.50 -21.44
CA ILE B 259 19.10 6.97 -22.56
C ILE B 259 17.86 7.86 -22.70
N LYS B 260 17.61 8.38 -23.90
CA LYS B 260 16.46 9.25 -24.13
C LYS B 260 15.20 8.46 -24.45
N ALA B 261 14.06 8.90 -23.92
CA ALA B 261 12.78 8.25 -24.16
C ALA B 261 11.62 9.24 -24.00
N PRO B 262 10.63 9.18 -24.91
CA PRO B 262 9.46 10.07 -24.88
C PRO B 262 8.51 9.78 -23.72
N VAL B 263 7.78 10.81 -23.30
CA VAL B 263 6.82 10.69 -22.20
C VAL B 263 5.42 10.50 -22.76
N ALA B 264 4.65 9.62 -22.13
CA ALA B 264 3.28 9.35 -22.54
C ALA B 264 2.38 10.20 -21.65
N ILE B 265 1.81 11.25 -22.25
CA ILE B 265 0.94 12.18 -21.52
C ILE B 265 -0.49 11.66 -21.51
N1 UMP C . -5.30 -6.19 13.33
C2 UMP C . -5.10 -7.15 12.32
N3 UMP C . -6.16 -7.29 11.44
C4 UMP C . -7.36 -6.58 11.48
C5 UMP C . -7.47 -5.62 12.56
C6 UMP C . -6.40 -5.46 13.45
O2 UMP C . -4.09 -7.81 12.19
O4 UMP C . -8.25 -6.75 10.65
C1' UMP C . -4.26 -5.87 14.36
C2' UMP C . -3.00 -5.09 13.99
C3' UMP C . -2.42 -4.74 15.36
C4' UMP C . -3.61 -4.29 16.22
O3' UMP C . -1.91 -5.98 15.89
O4' UMP C . -4.69 -5.14 15.59
C5' UMP C . -3.93 -2.80 16.00
O5' UMP C . -2.92 -1.98 16.69
P UMP C . -2.28 -0.68 16.04
OP1 UMP C . -1.40 0.03 16.98
OP2 UMP C . -1.49 -1.19 14.90
OP3 UMP C . -3.32 0.25 15.62
N1 MTX D . -6.45 -6.27 17.85
C2 MTX D . -5.48 -7.23 17.93
NA2 MTX D . -4.38 -7.00 18.64
N3 MTX D . -5.51 -8.31 17.10
C4 MTX D . -6.50 -8.49 16.19
NA4 MTX D . -6.48 -9.53 15.36
C4A MTX D . -7.50 -7.52 16.08
N5 MTX D . -8.37 -7.58 15.07
C6 MTX D . -9.51 -6.84 15.14
C7 MTX D . -9.44 -5.49 15.78
N8 MTX D . -8.36 -5.38 16.83
C8A MTX D . -7.43 -6.37 16.92
C9 MTX D . -10.81 -7.37 14.65
N10 MTX D . -10.71 -8.75 14.13
CM MTX D . -10.63 -8.75 12.62
C11 MTX D . -10.33 -12.27 16.46
C12 MTX D . -10.13 -12.30 15.05
C13 MTX D . -10.24 -11.13 14.30
C14 MTX D . -10.55 -9.89 14.91
C15 MTX D . -10.72 -9.86 16.33
C16 MTX D . -10.61 -11.03 17.11
C MTX D . -10.28 -13.54 17.22
O MTX D . -10.39 -13.60 18.45
N MTX D . -10.13 -14.66 16.49
CA MTX D . -10.13 -16.09 16.89
CT MTX D . -9.74 -17.04 15.73
O1 MTX D . -10.31 -16.91 14.63
O2 MTX D . -8.83 -17.87 15.96
CB MTX D . -11.51 -16.49 17.46
CG MTX D . -12.70 -16.15 16.55
CD MTX D . -14.03 -16.10 17.30
OE1 MTX D . -14.96 -16.86 16.92
OE2 MTX D . -14.17 -15.27 18.22
N1 UMP E . 4.17 7.78 -13.03
C2 UMP E . 5.19 7.09 -12.37
N3 UMP E . 5.73 7.78 -11.28
C4 UMP E . 5.32 9.05 -10.81
C5 UMP E . 4.25 9.68 -11.57
C6 UMP E . 3.74 8.99 -12.67
O2 UMP E . 5.56 5.97 -12.70
O4 UMP E . 5.82 9.60 -9.85
C1' UMP E . 3.50 7.21 -14.21
C2' UMP E . 2.56 6.03 -13.99
C3' UMP E . 1.76 6.00 -15.29
C4' UMP E . 1.39 7.46 -15.60
O3' UMP E . 2.67 5.55 -16.31
O4' UMP E . 2.63 8.14 -15.05
C5' UMP E . 0.16 7.90 -14.80
O5' UMP E . -1.00 7.26 -15.42
P UMP E . -2.25 6.65 -14.67
OP1 UMP E . -3.21 6.21 -15.71
OP2 UMP E . -1.82 5.47 -13.92
OP3 UMP E . -2.91 7.60 -13.76
N1 MTX F . 3.61 10.14 -16.96
C2 MTX F . 4.15 9.09 -17.65
NA2 MTX F . 3.31 8.20 -18.18
N3 MTX F . 5.38 8.61 -17.25
C4 MTX F . 6.09 9.15 -16.22
NA4 MTX F . 7.27 8.64 -15.85
C4A MTX F . 5.54 10.23 -15.53
N5 MTX F . 6.10 10.67 -14.40
C6 MTX F . 5.74 11.88 -13.88
C7 MTX F . 4.40 12.46 -14.17
N8 MTX F . 3.69 11.72 -15.26
C8A MTX F . 4.26 10.70 -15.94
C9 MTX F . 6.65 12.61 -12.98
N10 MTX F . 8.05 12.14 -13.01
CM MTX F . 8.38 11.41 -11.73
C11 MTX F . 10.53 11.95 -16.37
C12 MTX F . 10.73 11.05 -15.29
C13 MTX F . 9.89 11.09 -14.17
C14 MTX F . 8.83 12.04 -14.12
C15 MTX F . 8.61 12.88 -15.24
C16 MTX F . 9.44 12.85 -16.37
C MTX F . 11.54 12.03 -17.41
O MTX F . 11.25 12.24 -18.60
N MTX F . 12.81 11.83 -16.98
CA MTX F . 14.16 11.91 -17.60
CT MTX F . 14.42 13.08 -18.55
O1 MTX F . 14.03 13.02 -19.74
O2 MTX F . 15.00 14.09 -18.07
CB MTX F . 14.40 10.55 -18.27
CG MTX F . 15.81 10.34 -18.79
CD MTX F . 16.10 8.89 -19.18
OE1 MTX F . 17.26 8.46 -19.02
OE2 MTX F . 15.17 8.21 -19.68
#